data_3OUA
#
_entry.id   3OUA
#
_cell.length_a   45.504
_cell.length_b   45.504
_cell.length_c   102.096
_cell.angle_alpha   90.00
_cell.angle_beta   90.00
_cell.angle_gamma   90.00
#
_symmetry.space_group_name_H-M   'P 41'
#
loop_
_entity.id
_entity.type
_entity.pdbx_description
1 polymer 'HIV-1 protease'
2 polymer 'p1/p6 substrate peptide'
3 water water
#
loop_
_entity_poly.entity_id
_entity_poly.type
_entity_poly.pdbx_seq_one_letter_code
_entity_poly.pdbx_strand_id
1 'polypeptide(L)'
;PQITLWQRPIVTIKIGGQLKEALLNTGADDTVLEEVNLPGRWKPKLIGGIGGFVKVRQYDQVPIEICGHKVIGTVLVGPT
PTNVIGRNLMTQIGCTLNF
;
A,B
2 'polypeptide(L)' GNFLQSR P
#
# COMPACT_ATOMS: atom_id res chain seq x y z
N PRO A 1 -13.08 9.93 8.91
CA PRO A 1 -13.94 9.34 7.89
C PRO A 1 -13.81 7.82 7.89
N GLN A 2 -14.78 7.14 7.28
CA GLN A 2 -14.60 5.74 6.90
C GLN A 2 -14.43 5.72 5.38
N ILE A 3 -13.31 5.15 4.91
CA ILE A 3 -12.94 5.16 3.49
C ILE A 3 -12.99 3.74 2.96
N THR A 4 -13.89 3.52 1.99
CA THR A 4 -14.01 2.21 1.38
C THR A 4 -12.94 2.11 0.29
N LEU A 5 -12.63 0.90 -0.12
CA LEU A 5 -11.47 0.74 -0.98
C LEU A 5 -11.79 0.33 -2.43
N TRP A 6 -13.00 0.68 -2.88
CA TRP A 6 -13.38 0.44 -4.27
C TRP A 6 -12.58 1.27 -5.26
N GLN A 7 -12.17 2.47 -4.82
CA GLN A 7 -11.27 3.35 -5.53
C GLN A 7 -9.97 3.54 -4.72
N ARG A 8 -8.96 4.13 -5.34
CA ARG A 8 -7.70 4.42 -4.62
C ARG A 8 -7.98 5.46 -3.55
N PRO A 9 -7.49 5.24 -2.29
CA PRO A 9 -7.74 6.12 -1.15
C PRO A 9 -6.85 7.37 -1.19
N ILE A 10 -7.20 8.27 -2.12
CA ILE A 10 -6.46 9.54 -2.32
C ILE A 10 -7.15 10.60 -1.47
N VAL A 11 -6.34 11.32 -0.70
CA VAL A 11 -6.81 12.34 0.21
C VAL A 11 -6.03 13.65 -0.01
N THR A 12 -6.65 14.74 0.41
CA THR A 12 -6.02 16.07 0.43
C THR A 12 -5.12 16.21 1.66
N ILE A 13 -3.94 16.80 1.45
CA ILE A 13 -2.99 17.09 2.49
C ILE A 13 -2.52 18.53 2.34
N LYS A 14 -2.10 19.11 3.46
CA LYS A 14 -1.45 20.42 3.48
C LYS A 14 -0.06 20.21 4.02
N ILE A 15 0.95 20.57 3.20
CA ILE A 15 2.33 20.35 3.54
C ILE A 15 3.16 21.52 3.01
N GLY A 16 4.03 22.08 3.86
CA GLY A 16 4.93 23.14 3.46
C GLY A 16 4.25 24.37 2.87
N GLY A 17 3.04 24.65 3.34
CA GLY A 17 2.24 25.75 2.79
C GLY A 17 1.56 25.45 1.45
N GLN A 18 1.57 24.18 1.03
CA GLN A 18 0.93 23.80 -0.25
C GLN A 18 -0.19 22.81 0.01
N LEU A 19 -1.16 22.76 -0.90
CA LEU A 19 -2.22 21.74 -0.91
C LEU A 19 -1.85 20.71 -1.94
N LYS A 20 -1.93 19.42 -1.57
CA LYS A 20 -1.49 18.37 -2.45
C LYS A 20 -2.47 17.21 -2.23
N GLU A 21 -2.33 16.18 -3.05
CA GLU A 21 -3.08 14.93 -2.88
C GLU A 21 -2.09 13.81 -2.69
N ALA A 22 -2.47 12.82 -1.89
CA ALA A 22 -1.61 11.68 -1.67
C ALA A 22 -2.46 10.45 -1.38
N LEU A 23 -1.82 9.30 -1.59
CA LEU A 23 -2.47 8.00 -1.48
C LEU A 23 -2.20 7.42 -0.08
N LEU A 24 -3.27 7.05 0.65
CA LEU A 24 -3.13 6.39 1.95
C LEU A 24 -2.71 4.97 1.66
N ASN A 25 -1.45 4.65 1.98
CA ASN A 25 -0.84 3.39 1.52
C ASN A 25 -0.34 2.53 2.65
N THR A 26 -1.15 1.55 3.05
CA THR A 26 -0.80 0.72 4.20
C THR A 26 0.37 -0.23 3.88
N GLY A 27 0.71 -0.35 2.62
CA GLY A 27 1.87 -1.13 2.18
C GLY A 27 3.21 -0.42 2.21
N ALA A 28 3.17 0.88 2.52
CA ALA A 28 4.37 1.73 2.54
C ALA A 28 4.73 2.05 3.97
N ASP A 29 6.00 1.84 4.32
CA ASP A 29 6.43 2.07 5.69
C ASP A 29 6.51 3.56 5.89
N ASP A 30 6.94 4.26 4.84
CA ASP A 30 7.30 5.69 4.95
C ASP A 30 6.41 6.55 4.06
N THR A 31 6.41 7.86 4.34
CA THR A 31 5.70 8.84 3.54
C THR A 31 6.67 9.51 2.56
N VAL A 32 6.30 9.52 1.28
CA VAL A 32 7.16 10.07 0.23
C VAL A 32 6.33 11.03 -0.62
N LEU A 33 6.82 12.25 -0.74
CA LEU A 33 6.10 13.30 -1.44
C LEU A 33 7.06 14.00 -2.39
N GLU A 34 6.58 14.37 -3.57
CA GLU A 34 7.44 15.14 -4.48
C GLU A 34 6.97 16.59 -4.63
N GLU A 35 7.85 17.45 -5.17
CA GLU A 35 7.48 18.84 -5.44
C GLU A 35 7.05 19.59 -4.18
N VAL A 36 7.80 19.40 -3.11
CA VAL A 36 7.61 20.20 -1.90
C VAL A 36 8.91 20.76 -1.37
N ASN A 37 8.85 22.02 -0.93
CA ASN A 37 10.01 22.71 -0.47
C ASN A 37 9.78 22.90 1.02
N LEU A 38 10.42 22.03 1.81
CA LEU A 38 10.30 22.11 3.25
C LEU A 38 11.46 22.85 3.83
N PRO A 39 11.20 23.63 4.90
CA PRO A 39 12.30 24.37 5.52
C PRO A 39 13.03 23.55 6.60
N GLY A 40 14.14 24.04 7.13
CA GLY A 40 14.77 23.23 8.21
C GLY A 40 15.61 22.02 7.76
N ARG A 41 16.08 21.22 8.71
CA ARG A 41 17.20 20.30 8.42
C ARG A 41 16.73 19.03 7.73
N TRP A 42 17.61 18.45 6.92
CA TRP A 42 17.31 17.14 6.30
C TRP A 42 18.61 16.33 6.19
N LYS A 43 18.46 15.04 5.94
CA LYS A 43 19.60 14.20 5.64
C LYS A 43 19.17 13.27 4.51
N PRO A 44 20.13 12.85 3.67
CA PRO A 44 19.79 11.86 2.64
C PRO A 44 19.40 10.50 3.19
N LYS A 45 18.48 9.84 2.51
CA LYS A 45 18.06 8.50 2.87
C LYS A 45 17.94 7.71 1.58
N LEU A 46 18.40 6.45 1.60
CA LEU A 46 18.19 5.55 0.47
C LEU A 46 16.95 4.71 0.71
N ILE A 47 16.05 4.72 -0.26
CA ILE A 47 14.84 3.92 -0.19
C ILE A 47 14.68 3.01 -1.42
N GLY A 48 13.58 2.26 -1.45
CA GLY A 48 13.37 1.25 -2.52
C GLY A 48 14.39 0.17 -2.31
N GLY A 49 15.09 -0.18 -3.38
CA GLY A 49 16.01 -1.32 -3.33
C GLY A 49 15.85 -2.30 -4.49
N ILE A 50 14.71 -2.25 -5.17
CA ILE A 50 14.57 -2.95 -6.46
C ILE A 50 15.25 -2.11 -7.55
N GLY A 51 16.16 -2.72 -8.35
CA GLY A 51 16.87 -2.10 -9.49
C GLY A 51 18.02 -1.12 -9.14
N GLY A 52 18.18 -0.91 -7.85
CA GLY A 52 19.06 0.10 -7.30
C GLY A 52 18.31 0.70 -6.14
N PHE A 53 18.79 1.82 -5.65
CA PHE A 53 18.11 2.56 -4.62
C PHE A 53 17.77 3.93 -5.17
N VAL A 54 16.80 4.57 -4.52
CA VAL A 54 16.43 5.97 -4.79
C VAL A 54 16.86 6.78 -3.58
N LYS A 55 17.47 7.95 -3.81
CA LYS A 55 17.91 8.81 -2.72
C LYS A 55 16.88 9.94 -2.56
N VAL A 56 16.46 10.12 -1.31
CA VAL A 56 15.47 11.15 -0.98
C VAL A 56 16.04 11.98 0.16
N ARG A 57 15.39 13.13 0.41
CA ARG A 57 15.71 13.92 1.59
C ARG A 57 14.73 13.57 2.71
N GLN A 58 15.29 13.19 3.86
CA GLN A 58 14.51 12.90 5.05
C GLN A 58 14.41 14.14 5.94
N TYR A 59 13.18 14.59 6.13
CA TYR A 59 12.87 15.67 7.07
C TYR A 59 12.10 15.05 8.23
N ASP A 60 12.64 15.24 9.44
CA ASP A 60 11.98 14.71 10.61
C ASP A 60 11.01 15.71 11.23
N GLN A 61 9.98 15.17 11.88
CA GLN A 61 9.04 15.94 12.67
C GLN A 61 8.46 17.10 11.86
N VAL A 62 7.94 16.77 10.69
CA VAL A 62 7.36 17.75 9.79
C VAL A 62 5.87 17.93 10.12
N PRO A 63 5.43 19.17 10.35
CA PRO A 63 3.98 19.31 10.52
C PRO A 63 3.24 19.13 9.18
N ILE A 64 2.19 18.32 9.22
CA ILE A 64 1.42 18.03 8.03
C ILE A 64 -0.03 17.83 8.42
N GLU A 65 -0.93 18.29 7.56
CA GLU A 65 -2.37 18.11 7.77
C GLU A 65 -2.85 17.09 6.76
N ILE A 66 -3.54 16.07 7.23
CA ILE A 66 -3.93 14.95 6.35
C ILE A 66 -5.42 14.79 6.54
N CYS A 67 -6.17 15.12 5.49
CA CYS A 67 -7.60 15.00 5.56
C CYS A 67 -8.13 15.65 6.85
N GLY A 68 -7.65 16.87 7.14
CA GLY A 68 -8.16 17.64 8.27
C GLY A 68 -7.50 17.43 9.63
N HIS A 69 -6.62 16.45 9.69
CA HIS A 69 -5.94 16.06 10.93
C HIS A 69 -4.53 16.63 10.94
N LYS A 70 -4.26 17.53 11.88
CA LYS A 70 -2.93 18.16 11.99
C LYS A 70 -2.02 17.25 12.81
N VAL A 71 -0.99 16.71 12.17
CA VAL A 71 -0.04 15.82 12.83
C VAL A 71 1.41 16.19 12.53
N ILE A 72 2.31 15.38 13.08
CA ILE A 72 3.76 15.53 12.88
C ILE A 72 4.35 14.18 12.53
N GLY A 73 5.22 14.16 11.52
CA GLY A 73 5.97 12.93 11.28
C GLY A 73 7.07 13.16 10.27
N THR A 74 7.85 12.13 10.04
CA THR A 74 8.90 12.17 9.04
C THR A 74 8.31 12.19 7.63
N VAL A 75 8.87 13.05 6.79
CA VAL A 75 8.44 13.12 5.38
C VAL A 75 9.68 12.97 4.54
N LEU A 76 9.65 12.01 3.60
CA LEU A 76 10.73 11.86 2.62
C LEU A 76 10.33 12.64 1.39
N VAL A 77 11.25 13.48 0.90
CA VAL A 77 10.94 14.29 -0.26
C VAL A 77 11.83 13.90 -1.43
N GLY A 78 11.18 13.56 -2.53
CA GLY A 78 11.89 13.20 -3.75
C GLY A 78 10.90 12.65 -4.73
N PRO A 79 11.38 12.30 -5.93
CA PRO A 79 10.47 12.08 -7.04
C PRO A 79 9.80 10.74 -6.79
N THR A 80 8.49 10.72 -6.87
CA THR A 80 7.82 9.46 -6.58
C THR A 80 6.70 9.37 -7.59
N PRO A 81 6.44 8.15 -8.11
CA PRO A 81 5.37 8.02 -9.09
C PRO A 81 4.04 8.58 -8.60
N THR A 82 3.73 8.44 -7.32
CA THR A 82 2.51 9.06 -6.78
C THR A 82 2.81 9.47 -5.32
N ASN A 83 2.23 10.57 -4.82
CA ASN A 83 2.50 11.00 -3.43
C ASN A 83 1.91 9.95 -2.50
N VAL A 84 2.68 9.52 -1.51
CA VAL A 84 2.25 8.39 -0.66
C VAL A 84 2.27 8.78 0.81
N ILE A 85 1.13 8.59 1.51
CA ILE A 85 1.11 8.65 2.99
C ILE A 85 1.33 7.22 3.48
N GLY A 86 2.46 7.00 4.14
CA GLY A 86 2.79 5.68 4.66
C GLY A 86 2.30 5.43 6.06
N ARG A 87 2.57 4.23 6.57
CA ARG A 87 2.11 3.90 7.92
C ARG A 87 2.59 4.91 8.98
N ASN A 88 3.80 5.45 8.81
CA ASN A 88 4.36 6.35 9.80
C ASN A 88 3.43 7.52 10.08
N LEU A 89 2.72 8.01 9.05
CA LEU A 89 1.74 9.11 9.27
C LEU A 89 0.30 8.63 9.50
N MET A 90 -0.05 7.46 8.97
CA MET A 90 -1.34 6.93 9.29
C MET A 90 -1.48 6.62 10.77
N THR A 91 -0.41 6.18 11.42
CA THR A 91 -0.51 6.02 12.88
C THR A 91 -0.80 7.34 13.58
N GLN A 92 -0.19 8.41 13.08
CA GLN A 92 -0.35 9.71 13.72
C GLN A 92 -1.78 10.20 13.69
N ILE A 93 -2.46 9.98 12.57
CA ILE A 93 -3.85 10.39 12.43
C ILE A 93 -4.87 9.40 13.06
N GLY A 94 -4.37 8.27 13.55
CA GLY A 94 -5.19 7.26 14.20
C GLY A 94 -5.95 6.40 13.22
N CYS A 95 -5.34 6.19 12.06
CA CYS A 95 -5.99 5.45 10.99
C CYS A 95 -5.78 3.95 11.19
N THR A 96 -6.89 3.21 11.17
CA THR A 96 -6.87 1.75 11.29
C THR A 96 -7.52 1.09 10.10
N LEU A 97 -7.21 -0.20 9.90
CA LEU A 97 -7.93 -1.06 8.94
C LEU A 97 -8.97 -1.82 9.73
N ASN A 98 -10.19 -1.85 9.20
CA ASN A 98 -11.30 -2.45 9.97
C ASN A 98 -12.13 -3.34 9.08
N PHE A 99 -12.40 -4.55 9.55
CA PHE A 99 -13.31 -5.43 8.84
C PHE A 99 -13.93 -6.51 9.76
CA PRO B 1 -10.67 -7.00 13.53
C PRO B 1 -10.44 -5.50 13.27
N GLN B 2 -9.87 -4.80 14.23
CA GLN B 2 -9.33 -3.45 13.99
C GLN B 2 -7.80 -3.55 14.05
N ILE B 3 -7.15 -3.17 12.96
CA ILE B 3 -5.70 -3.34 12.82
C ILE B 3 -5.01 -1.97 12.79
N THR B 4 -4.17 -1.72 13.80
CA THR B 4 -3.42 -0.48 13.86
C THR B 4 -2.19 -0.61 12.98
N LEU B 5 -1.58 0.50 12.62
CA LEU B 5 -0.59 0.46 11.58
C LEU B 5 0.82 0.74 12.08
N TRP B 6 1.06 0.52 13.38
CA TRP B 6 2.43 0.66 13.92
C TRP B 6 3.39 -0.35 13.35
N GLN B 7 2.86 -1.54 13.03
CA GLN B 7 3.58 -2.57 12.34
C GLN B 7 2.96 -2.81 10.94
N ARG B 8 3.65 -3.59 10.11
CA ARG B 8 3.10 -3.95 8.79
C ARG B 8 1.91 -4.84 8.98
N PRO B 9 0.78 -4.52 8.29
CA PRO B 9 -0.48 -5.28 8.46
C PRO B 9 -0.46 -6.64 7.72
N ILE B 10 0.26 -7.58 8.31
CA ILE B 10 0.39 -8.96 7.76
C ILE B 10 -0.69 -9.83 8.39
N VAL B 11 -1.42 -10.55 7.54
CA VAL B 11 -2.47 -11.45 7.99
C VAL B 11 -2.27 -12.83 7.36
N THR B 12 -2.88 -13.83 8.00
CA THR B 12 -2.91 -15.20 7.50
C THR B 12 -4.02 -15.33 6.46
N ILE B 13 -3.72 -16.07 5.41
CA ILE B 13 -4.68 -16.34 4.34
C ILE B 13 -4.64 -17.82 4.02
N LYS B 14 -5.75 -18.31 3.46
CA LYS B 14 -5.82 -19.68 2.96
C LYS B 14 -6.14 -19.59 1.48
N ILE B 15 -5.24 -20.11 0.64
CA ILE B 15 -5.45 -20.09 -0.78
C ILE B 15 -4.86 -21.35 -1.41
N GLY B 16 -5.61 -21.92 -2.36
CA GLY B 16 -5.20 -23.08 -3.11
C GLY B 16 -4.86 -24.27 -2.23
N GLY B 17 -5.52 -24.36 -1.08
CA GLY B 17 -5.23 -25.43 -0.10
C GLY B 17 -3.99 -25.18 0.76
N GLN B 18 -3.41 -23.99 0.69
CA GLN B 18 -2.18 -23.67 1.43
C GLN B 18 -2.47 -22.54 2.43
N LEU B 19 -1.70 -22.50 3.50
CA LEU B 19 -1.74 -21.41 4.47
C LEU B 19 -0.58 -20.50 4.14
N LYS B 20 -0.82 -19.19 4.05
CA LYS B 20 0.22 -18.25 3.68
C LYS B 20 0.00 -17.00 4.52
N GLU B 21 0.94 -16.07 4.38
CA GLU B 21 0.83 -14.72 4.99
C GLU B 21 0.91 -13.70 3.88
N ALA B 22 0.17 -12.61 4.05
CA ALA B 22 0.18 -11.55 3.05
C ALA B 22 -0.03 -10.21 3.72
N LEU B 23 0.41 -9.17 3.00
CA LEU B 23 0.35 -7.78 3.50
C LEU B 23 -0.94 -7.12 3.00
N LEU B 24 -1.77 -6.57 3.91
CA LEU B 24 -2.94 -5.80 3.51
C LEU B 24 -2.45 -4.46 2.99
N ASN B 25 -2.58 -4.25 1.68
CA ASN B 25 -1.91 -3.14 1.02
C ASN B 25 -2.88 -2.22 0.30
N THR B 26 -3.25 -1.11 0.94
CA THR B 26 -4.24 -0.20 0.33
C THR B 26 -3.64 0.58 -0.86
N GLY B 27 -2.32 0.52 -1.02
CA GLY B 27 -1.65 1.13 -2.18
C GLY B 27 -1.62 0.28 -3.43
N ALA B 28 -2.08 -0.97 -3.32
CA ALA B 28 -2.05 -1.94 -4.40
C ALA B 28 -3.45 -2.16 -4.95
N ASP B 29 -3.61 -2.04 -6.27
CA ASP B 29 -4.93 -2.20 -6.88
C ASP B 29 -5.26 -3.69 -6.83
N ASP B 30 -4.22 -4.52 -7.02
CA ASP B 30 -4.45 -5.96 -7.23
C ASP B 30 -3.75 -6.81 -6.18
N THR B 31 -4.14 -8.09 -6.12
CA THR B 31 -3.58 -9.04 -5.16
C THR B 31 -2.57 -9.89 -5.91
N VAL B 32 -1.36 -9.96 -5.37
CA VAL B 32 -0.28 -10.71 -6.04
C VAL B 32 0.33 -11.67 -5.03
N LEU B 33 0.34 -12.95 -5.37
CA LEU B 33 0.83 -13.95 -4.47
C LEU B 33 1.84 -14.85 -5.19
N GLU B 34 2.89 -15.27 -4.50
CA GLU B 34 3.83 -16.22 -5.11
C GLU B 34 3.74 -17.63 -4.52
N GLU B 35 4.27 -18.62 -5.23
CA GLU B 35 4.31 -20.00 -4.70
C GLU B 35 2.93 -20.58 -4.40
N VAL B 36 1.99 -20.34 -5.29
CA VAL B 36 0.68 -20.97 -5.21
C VAL B 36 0.32 -21.65 -6.52
N ASN B 37 -0.20 -22.86 -6.41
CA ASN B 37 -0.61 -23.61 -7.57
C ASN B 37 -2.11 -23.55 -7.48
N LEU B 38 -2.71 -22.77 -8.37
CA LEU B 38 -4.17 -22.68 -8.39
C LEU B 38 -4.68 -23.52 -9.53
N PRO B 39 -5.86 -24.15 -9.35
CA PRO B 39 -6.46 -24.93 -10.42
C PRO B 39 -7.30 -24.08 -11.38
N GLY B 40 -7.65 -24.61 -12.53
CA GLY B 40 -8.55 -23.78 -13.37
C GLY B 40 -7.84 -22.75 -14.24
N ARG B 41 -8.63 -21.93 -14.94
CA ARG B 41 -8.08 -21.19 -16.07
C ARG B 41 -7.35 -19.94 -15.62
N TRP B 42 -6.39 -19.53 -16.43
CA TRP B 42 -5.69 -18.26 -16.20
C TRP B 42 -5.32 -17.61 -17.55
N LYS B 43 -4.97 -16.33 -17.50
CA LYS B 43 -4.40 -15.65 -18.67
C LYS B 43 -3.25 -14.80 -18.20
N PRO B 44 -2.21 -14.60 -19.05
CA PRO B 44 -1.13 -13.71 -18.58
C PRO B 44 -1.59 -12.26 -18.43
N LYS B 45 -0.96 -11.55 -17.50
CA LYS B 45 -1.24 -10.14 -17.27
C LYS B 45 0.12 -9.48 -17.07
N LEU B 46 0.31 -8.29 -17.64
CA LEU B 46 1.48 -7.48 -17.33
C LEU B 46 1.16 -6.47 -16.26
N ILE B 47 1.97 -6.45 -15.22
CA ILE B 47 1.79 -5.51 -14.12
C ILE B 47 3.07 -4.71 -13.87
N GLY B 48 3.03 -3.86 -12.84
CA GLY B 48 4.15 -2.94 -12.57
C GLY B 48 4.22 -2.02 -13.77
N GLY B 49 5.41 -1.84 -14.31
CA GLY B 49 5.62 -0.80 -15.32
C GLY B 49 6.84 0.08 -15.10
N ILE B 50 7.37 0.08 -13.88
CA ILE B 50 8.70 0.69 -13.63
C ILE B 50 9.77 -0.32 -14.03
N GLY B 51 10.71 0.09 -14.92
CA GLY B 51 11.91 -0.68 -15.37
C GLY B 51 11.62 -1.75 -16.43
N GLY B 52 10.34 -1.89 -16.72
CA GLY B 52 9.82 -2.93 -17.57
C GLY B 52 8.52 -3.34 -16.93
N PHE B 53 7.96 -4.44 -17.40
CA PHE B 53 6.75 -4.98 -16.83
C PHE B 53 7.07 -6.35 -16.27
N VAL B 54 6.25 -6.82 -15.34
CA VAL B 54 6.37 -8.18 -14.80
C VAL B 54 5.14 -8.93 -15.30
N LYS B 55 5.34 -10.15 -15.80
CA LYS B 55 4.22 -10.97 -16.30
C LYS B 55 3.78 -11.94 -15.21
N VAL B 56 2.48 -11.96 -14.96
CA VAL B 56 1.92 -12.85 -13.94
C VAL B 56 0.78 -13.63 -14.58
N ARG B 57 0.31 -14.65 -13.86
CA ARG B 57 -0.88 -15.38 -14.27
C ARG B 57 -2.09 -14.82 -13.53
N GLN B 58 -3.10 -14.40 -14.29
CA GLN B 58 -4.34 -13.89 -13.71
C GLN B 58 -5.38 -14.99 -13.60
N TYR B 59 -5.81 -15.28 -12.37
CA TYR B 59 -6.89 -16.23 -12.11
C TYR B 59 -8.05 -15.43 -11.62
N ASP B 60 -9.19 -15.58 -12.29
CA ASP B 60 -10.38 -14.87 -11.85
C ASP B 60 -11.21 -15.69 -10.88
N GLN B 61 -11.97 -14.97 -10.04
CA GLN B 61 -12.94 -15.58 -9.15
C GLN B 61 -12.36 -16.73 -8.32
N VAL B 62 -11.24 -16.46 -7.66
CA VAL B 62 -10.55 -17.44 -6.84
C VAL B 62 -11.09 -17.39 -5.41
N PRO B 63 -11.53 -18.53 -4.88
CA PRO B 63 -11.90 -18.51 -3.45
C PRO B 63 -10.64 -18.37 -2.60
N ILE B 64 -10.70 -17.45 -1.66
CA ILE B 64 -9.60 -17.21 -0.75
C ILE B 64 -10.17 -16.83 0.60
N GLU B 65 -9.48 -17.22 1.66
CA GLU B 65 -9.91 -16.87 3.01
C GLU B 65 -8.85 -15.93 3.55
N ILE B 66 -9.31 -14.78 4.06
CA ILE B 66 -8.37 -13.72 4.45
C ILE B 66 -8.74 -13.37 5.86
N CYS B 67 -7.84 -13.71 6.78
CA CYS B 67 -8.07 -13.42 8.16
C CYS B 67 -9.47 -13.90 8.55
N GLY B 68 -9.78 -15.15 8.18
CA GLY B 68 -11.07 -15.77 8.55
C GLY B 68 -12.29 -15.48 7.70
N HIS B 69 -12.16 -14.58 6.74
CA HIS B 69 -13.28 -14.16 5.89
C HIS B 69 -13.15 -14.88 4.56
N LYS B 70 -14.11 -15.74 4.25
CA LYS B 70 -14.10 -16.47 2.96
C LYS B 70 -14.71 -15.59 1.87
N VAL B 71 -13.88 -15.22 0.91
CA VAL B 71 -14.30 -14.37 -0.22
C VAL B 71 -13.85 -14.92 -1.59
N ILE B 72 -14.18 -14.19 -2.64
CA ILE B 72 -13.84 -14.51 -4.00
C ILE B 72 -13.24 -13.27 -4.65
N GLY B 73 -12.13 -13.44 -5.37
CA GLY B 73 -11.61 -12.33 -6.15
C GLY B 73 -10.51 -12.79 -7.09
N THR B 74 -10.08 -11.88 -7.94
CA THR B 74 -8.95 -12.15 -8.84
C THR B 74 -7.66 -12.25 -8.03
N VAL B 75 -6.82 -13.23 -8.35
CA VAL B 75 -5.51 -13.35 -7.70
C VAL B 75 -4.51 -13.45 -8.83
N LEU B 76 -3.50 -12.59 -8.78
CA LEU B 76 -2.39 -12.66 -9.75
C LEU B 76 -1.30 -13.52 -9.09
N VAL B 77 -0.74 -14.48 -9.85
CA VAL B 77 0.24 -15.37 -9.27
C VAL B 77 1.53 -15.18 -10.03
N GLY B 78 2.56 -14.83 -9.28
CA GLY B 78 3.90 -14.79 -9.79
C GLY B 78 4.82 -14.13 -8.76
N PRO B 79 6.00 -13.72 -9.23
CA PRO B 79 7.07 -13.18 -8.43
C PRO B 79 6.60 -11.92 -7.81
N THR B 80 6.81 -11.85 -6.51
CA THR B 80 6.53 -10.66 -5.78
C THR B 80 7.41 -10.67 -4.55
N PRO B 81 8.05 -9.53 -4.29
CA PRO B 81 8.86 -9.40 -3.09
C PRO B 81 8.10 -9.75 -1.82
N THR B 82 6.81 -9.46 -1.79
CA THR B 82 6.00 -9.62 -0.58
C THR B 82 4.61 -10.07 -1.06
N ASN B 83 3.97 -11.09 -0.44
CA ASN B 83 2.59 -11.46 -0.86
C ASN B 83 1.72 -10.27 -0.51
N VAL B 84 0.87 -9.84 -1.44
CA VAL B 84 0.10 -8.60 -1.24
C VAL B 84 -1.38 -8.86 -1.44
N ILE B 85 -2.17 -8.49 -0.43
CA ILE B 85 -3.64 -8.41 -0.59
C ILE B 85 -3.95 -6.98 -1.03
N GLY B 86 -4.45 -6.83 -2.25
CA GLY B 86 -4.77 -5.51 -2.83
C GLY B 86 -6.17 -5.04 -2.53
N ARG B 87 -6.49 -3.81 -2.95
CA ARG B 87 -7.86 -3.33 -2.74
C ARG B 87 -8.95 -4.27 -3.29
N ASN B 88 -8.68 -4.96 -4.39
CA ASN B 88 -9.70 -5.81 -5.03
C ASN B 88 -10.21 -6.83 -4.03
N LEU B 89 -9.35 -7.36 -3.16
CA LEU B 89 -9.84 -8.31 -2.12
C LEU B 89 -10.21 -7.65 -0.80
N MET B 90 -9.59 -6.51 -0.47
CA MET B 90 -10.04 -5.79 0.71
C MET B 90 -11.50 -5.35 0.60
N THR B 91 -11.95 -4.97 -0.60
CA THR B 91 -13.36 -4.64 -0.72
C THR B 91 -14.24 -5.85 -0.40
N GLN B 92 -13.79 -7.03 -0.86
CA GLN B 92 -14.58 -8.24 -0.64
C GLN B 92 -14.78 -8.57 0.83
N ILE B 93 -13.74 -8.40 1.65
CA ILE B 93 -13.83 -8.69 3.07
C ILE B 93 -14.47 -7.54 3.89
N GLY B 94 -14.76 -6.43 3.20
CA GLY B 94 -15.39 -5.26 3.80
C GLY B 94 -14.43 -4.42 4.62
N CYS B 95 -13.18 -4.39 4.19
CA CYS B 95 -12.12 -3.68 4.89
C CYS B 95 -12.12 -2.19 4.51
N THR B 96 -12.16 -1.34 5.54
CA THR B 96 -12.14 0.12 5.36
C THR B 96 -10.99 0.73 6.14
N LEU B 97 -10.61 1.94 5.73
CA LEU B 97 -9.65 2.76 6.45
C LEU B 97 -10.48 3.68 7.32
N ASN B 98 -10.11 3.80 8.58
CA ASN B 98 -10.95 4.58 9.52
C ASN B 98 -10.10 5.49 10.38
N PHE B 99 -10.48 6.76 10.44
CA PHE B 99 -9.83 7.69 11.38
C PHE B 99 -10.71 8.88 11.74
N GLY C 1 9.78 -1.75 0.77
CA GLY C 1 9.36 -0.93 1.93
C GLY C 1 8.18 -0.03 1.62
N ASN C 2 7.91 0.16 0.33
CA ASN C 2 6.80 0.97 -0.18
C ASN C 2 6.12 0.18 -1.29
N PHE C 3 5.08 -0.58 -0.96
CA PHE C 3 4.61 -1.58 -1.91
C PHE C 3 3.35 -1.28 -2.71
N LEU C 4 3.17 -0.03 -3.08
CA LEU C 4 2.18 0.32 -4.08
C LEU C 4 2.02 -0.71 -5.21
N GLN C 5 0.97 -0.51 -6.01
CA GLN C 5 0.71 -1.31 -7.20
C GLN C 5 -0.44 -0.68 -8.00
N SER C 6 -0.09 0.19 -8.95
CA SER C 6 -1.08 0.80 -9.82
C SER C 6 -1.11 -0.02 -11.09
N ARG C 7 -1.52 -1.29 -10.95
CA ARG C 7 -1.15 -2.31 -11.91
C ARG C 7 0.35 -2.38 -11.84
#